data_7BZK
#
_entry.id   7BZK
#
_cell.length_a   54.985
_cell.length_b   60.762
_cell.length_c   61.056
_cell.angle_alpha   90.000
_cell.angle_beta   90.000
_cell.angle_gamma   90.000
#
_symmetry.space_group_name_H-M   'P 21 21 21'
#
loop_
_entity.id
_entity.type
_entity.pdbx_description
1 polymer 'Ferredoxin-thioredoxin reductase catalytic chain, chloroplastic'
2 polymer 'Thioredoxin Y1, chloroplastic'
3 non-polymer 'IRON/SULFUR CLUSTER'
4 water water
#
loop_
_entity_poly.entity_id
_entity_poly.type
_entity_poly.pdbx_seq_one_letter_code
_entity_poly.pdbx_strand_id
1 'polypeptide(L)'
;AKTEPSEKSVEIMRKFSEQYARRSGTYFCVDKGVTSVVIKGLAEHKDSYGAPLCPCRHYDDKAAEVGQGFWNCPCVPMRE
RKECHCMLFLTPDNDFAGKDQTITSDEIKETTANM
;
A
2 'polypeptide(L)'
;IEAKKQTFDSFEDLLVNSDKPVLVDYYATWCGPSQFMVPILNEVSETLKDKIQVVKIDTEKYPSIANKYKIEALPTFILF
KDGEPCDRFEGALTAKQLIQRIEDSLKVKP
;
B
#
loop_
_chem_comp.id
_chem_comp.type
_chem_comp.name
_chem_comp.formula
SF4 non-polymer 'IRON/SULFUR CLUSTER' 'Fe4 S4'
#
# COMPACT_ATOMS: atom_id res chain seq x y z
N GLU A 4 5.01 -11.72 13.68
CA GLU A 4 3.59 -11.41 13.76
C GLU A 4 3.34 -10.35 14.81
N PRO A 5 2.36 -9.48 14.61
CA PRO A 5 1.92 -8.61 15.69
C PRO A 5 1.21 -9.38 16.78
N SER A 6 1.44 -8.95 17.99
CA SER A 6 0.74 -9.59 19.08
C SER A 6 -0.74 -9.32 18.99
N GLU A 7 -1.50 -10.32 19.44
CA GLU A 7 -2.95 -10.23 19.52
C GLU A 7 -3.39 -9.04 20.35
N LYS A 8 -2.66 -8.70 21.41
CA LYS A 8 -3.07 -7.57 22.22
C LYS A 8 -2.96 -6.28 21.41
N SER A 9 -1.89 -6.14 20.63
CA SER A 9 -1.72 -4.96 19.82
C SER A 9 -2.78 -4.92 18.73
N VAL A 10 -3.07 -6.09 18.12
CA VAL A 10 -4.07 -6.12 17.05
C VAL A 10 -5.42 -5.70 17.59
N GLU A 11 -5.83 -6.24 18.75
CA GLU A 11 -7.12 -5.88 19.34
C GLU A 11 -7.19 -4.40 19.67
N ILE A 12 -6.10 -3.85 20.24
CA ILE A 12 -6.05 -2.42 20.50
C ILE A 12 -6.23 -1.65 19.21
N MET A 13 -5.52 -2.05 18.15
CA MET A 13 -5.61 -1.26 16.94
C MET A 13 -6.96 -1.47 16.26
N ARG A 14 -7.53 -2.67 16.36
CA ARG A 14 -8.88 -2.90 15.83
C ARG A 14 -9.90 -1.99 16.51
N LYS A 15 -9.89 -1.95 17.85
CA LYS A 15 -10.85 -1.10 18.54
C LYS A 15 -10.62 0.37 18.25
N PHE A 16 -9.35 0.77 18.21
CA PHE A 16 -9.04 2.13 17.79
C PHE A 16 -9.62 2.45 16.43
N SER A 17 -9.49 1.52 15.49
CA SER A 17 -9.95 1.83 14.14
C SER A 17 -11.46 2.01 14.11
N GLU A 18 -12.18 1.19 14.88
CA GLU A 18 -13.63 1.36 14.91
C GLU A 18 -14.00 2.71 15.53
N GLN A 19 -13.33 3.06 16.63
CA GLN A 19 -13.64 4.31 17.30
C GLN A 19 -13.31 5.49 16.39
N TYR A 20 -12.15 5.45 15.74
CA TYR A 20 -11.75 6.60 14.91
C TYR A 20 -12.63 6.72 13.69
N ALA A 21 -13.04 5.59 13.10
CA ALA A 21 -13.95 5.68 11.96
C ALA A 21 -15.24 6.38 12.35
N ARG A 22 -15.77 6.01 13.52
CA ARG A 22 -17.00 6.65 13.97
C ARG A 22 -16.79 8.13 14.25
N ARG A 23 -15.70 8.47 14.93
CA ARG A 23 -15.41 9.87 15.24
C ARG A 23 -15.08 10.72 14.01
N SER A 24 -14.56 10.13 12.92
CA SER A 24 -14.24 10.93 11.76
C SER A 24 -15.29 10.82 10.65
N GLY A 25 -16.33 10.01 10.82
CA GLY A 25 -17.34 9.87 9.79
C GLY A 25 -16.82 9.13 8.59
N THR A 26 -15.92 8.19 8.78
CA THR A 26 -15.36 7.44 7.67
C THR A 26 -15.74 5.98 7.81
N TYR A 27 -15.48 5.23 6.73
CA TYR A 27 -16.03 3.88 6.58
C TYR A 27 -14.91 2.97 6.14
N PHE A 28 -15.04 1.70 6.51
CA PHE A 28 -14.04 0.77 6.04
C PHE A 28 -14.23 0.38 4.57
N CYS A 29 -13.15 -0.13 4.01
CA CYS A 29 -13.12 -0.60 2.62
C CYS A 29 -14.10 -1.74 2.41
N VAL A 30 -14.71 -1.79 1.21
CA VAL A 30 -15.56 -2.93 0.89
C VAL A 30 -14.84 -4.25 1.04
N ASP A 31 -13.51 -4.26 0.84
CA ASP A 31 -12.69 -5.47 1.00
C ASP A 31 -12.05 -5.37 2.38
N LYS A 32 -12.68 -6.04 3.36
CA LYS A 32 -12.16 -5.91 4.74
C LYS A 32 -10.80 -6.58 4.91
N GLY A 33 -10.30 -7.31 3.90
CA GLY A 33 -8.91 -7.77 3.92
C GLY A 33 -7.93 -6.62 3.84
N VAL A 34 -8.30 -5.52 3.19
CA VAL A 34 -7.47 -4.31 3.22
C VAL A 34 -7.42 -3.75 4.63
N THR A 35 -8.59 -3.58 5.24
CA THR A 35 -8.74 -3.07 6.62
C THR A 35 -7.92 -3.91 7.58
N SER A 36 -8.04 -5.23 7.46
CA SER A 36 -7.37 -6.14 8.39
C SER A 36 -5.85 -6.08 8.25
N VAL A 37 -5.36 -6.08 7.02
CA VAL A 37 -3.90 -6.01 6.85
C VAL A 37 -3.36 -4.71 7.42
N VAL A 38 -4.04 -3.61 7.15
CA VAL A 38 -3.57 -2.32 7.69
C VAL A 38 -3.56 -2.36 9.20
N ILE A 39 -4.59 -2.91 9.82
CA ILE A 39 -4.61 -2.94 11.29
C ILE A 39 -3.46 -3.77 11.82
N LYS A 40 -3.17 -4.92 11.17
CA LYS A 40 -2.00 -5.68 11.60
C LYS A 40 -0.69 -4.93 11.34
N GLY A 41 -0.59 -4.18 10.23
CA GLY A 41 0.62 -3.39 9.99
C GLY A 41 0.80 -2.29 11.01
N LEU A 42 -0.31 -1.63 11.39
CA LEU A 42 -0.24 -0.63 12.45
C LEU A 42 0.23 -1.26 13.76
N ALA A 43 -0.32 -2.44 14.07
CA ALA A 43 0.06 -3.15 15.29
C ALA A 43 1.51 -3.59 15.27
N GLU A 44 1.96 -4.08 14.14
CA GLU A 44 3.38 -4.46 14.01
C GLU A 44 4.27 -3.26 14.24
N HIS A 45 3.94 -2.11 13.65
CA HIS A 45 4.79 -0.95 13.88
C HIS A 45 4.72 -0.51 15.35
N LYS A 46 3.53 -0.59 15.96
CA LYS A 46 3.43 -0.22 17.38
C LYS A 46 4.32 -1.10 18.25
N ASP A 47 4.32 -2.40 17.98
CA ASP A 47 5.23 -3.30 18.69
C ASP A 47 6.69 -2.97 18.38
N SER A 48 7.01 -2.65 17.12
CA SER A 48 8.44 -2.46 16.81
C SER A 48 8.96 -1.14 17.34
N TYR A 49 8.20 -0.05 17.14
CA TYR A 49 8.71 1.29 17.33
C TYR A 49 8.03 2.02 18.46
N GLY A 50 6.89 1.53 18.92
CA GLY A 50 6.17 2.12 20.04
C GLY A 50 5.04 3.04 19.69
N ALA A 51 4.80 3.26 18.40
CA ALA A 51 3.65 4.02 17.92
C ALA A 51 3.20 3.39 16.64
N PRO A 52 1.94 3.55 16.28
CA PRO A 52 1.42 2.92 15.05
C PRO A 52 1.76 3.74 13.81
N LEU A 53 3.06 3.75 13.49
CA LEU A 53 3.52 4.34 12.24
C LEU A 53 2.73 3.78 11.06
N CYS A 54 2.39 4.65 10.10
CA CYS A 54 1.60 4.19 8.97
C CYS A 54 2.29 3.07 8.22
N PRO A 55 1.59 1.94 7.95
CA PRO A 55 2.28 0.84 7.23
C PRO A 55 2.25 0.98 5.72
N CYS A 56 1.58 1.98 5.19
CA CYS A 56 1.45 2.09 3.73
C CYS A 56 2.35 3.17 3.21
N ARG A 57 3.61 3.14 3.65
CA ARG A 57 4.50 4.22 3.31
C ARG A 57 5.91 3.71 3.43
N HIS A 58 6.75 4.19 2.53
CA HIS A 58 8.18 3.97 2.65
C HIS A 58 8.82 5.10 3.44
N TYR A 59 9.71 4.73 4.37
CA TYR A 59 10.43 5.67 5.18
C TYR A 59 11.93 5.45 4.99
N ASP A 60 12.70 6.54 5.02
CA ASP A 60 14.15 6.46 5.09
C ASP A 60 14.60 5.93 6.46
N ASP A 61 13.82 6.21 7.50
CA ASP A 61 14.23 5.80 8.83
C ASP A 61 12.98 5.77 9.69
N LYS A 62 12.42 4.56 9.87
CA LYS A 62 11.14 4.46 10.59
C LYS A 62 11.26 4.94 12.02
N ALA A 63 12.37 4.62 12.68
CA ALA A 63 12.45 5.00 14.08
C ALA A 63 12.42 6.51 14.19
N ALA A 64 13.25 7.17 13.38
CA ALA A 64 13.25 8.64 13.38
C ALA A 64 11.88 9.20 13.08
N GLU A 65 11.18 8.59 12.13
CA GLU A 65 9.89 9.19 11.76
C GLU A 65 8.89 9.03 12.89
N VAL A 66 8.96 7.92 13.65
CA VAL A 66 8.08 7.77 14.81
C VAL A 66 8.31 8.92 15.76
N GLY A 67 9.59 9.30 15.94
CA GLY A 67 9.88 10.42 16.81
C GLY A 67 9.33 11.74 16.30
N GLN A 68 9.26 11.92 14.98
CA GLN A 68 8.71 13.16 14.43
C GLN A 68 7.20 13.21 14.56
N GLY A 69 6.52 12.09 14.40
CA GLY A 69 5.12 11.99 14.72
C GLY A 69 4.13 12.16 13.56
N PHE A 70 4.59 12.71 12.43
CA PHE A 70 3.65 13.07 11.34
C PHE A 70 2.82 11.89 10.89
N TRP A 71 3.42 10.73 10.80
CA TRP A 71 2.78 9.54 10.21
C TRP A 71 2.34 8.53 11.25
N ASN A 72 2.29 8.91 12.52
CA ASN A 72 1.73 8.00 13.52
C ASN A 72 0.21 8.08 13.45
N CYS A 73 -0.45 6.93 13.30
CA CYS A 73 -1.87 6.92 12.99
C CYS A 73 -2.66 7.48 14.19
N PRO A 74 -3.66 8.35 13.96
CA PRO A 74 -4.04 8.93 12.70
C PRO A 74 -3.08 9.99 12.26
N CYS A 75 -2.62 9.86 11.01
CA CYS A 75 -1.55 10.73 10.51
C CYS A 75 -2.07 12.14 10.28
N VAL A 76 -1.11 13.05 10.03
CA VAL A 76 -1.50 14.46 9.79
C VAL A 76 -2.44 14.60 8.60
N PRO A 77 -2.21 13.95 7.44
CA PRO A 77 -3.17 14.10 6.33
C PRO A 77 -4.56 13.61 6.70
N MET A 78 -4.67 12.54 7.50
CA MET A 78 -6.02 12.12 7.88
C MET A 78 -6.66 13.12 8.82
N ARG A 79 -5.88 13.64 9.77
CA ARG A 79 -6.46 14.60 10.71
C ARG A 79 -6.85 15.91 9.99
N GLU A 80 -6.09 16.27 8.97
CA GLU A 80 -6.25 17.53 8.27
C GLU A 80 -7.34 17.47 7.24
N ARG A 81 -7.40 16.37 6.46
N ARG A 81 -7.41 16.37 6.45
CA ARG A 81 -8.33 16.34 5.33
CA ARG A 81 -8.30 16.31 5.29
C ARG A 81 -8.91 14.95 5.08
C ARG A 81 -8.96 14.95 5.10
N LYS A 82 -8.87 14.05 6.08
CA LYS A 82 -9.43 12.69 5.98
C LYS A 82 -8.82 11.96 4.82
N GLU A 83 -7.53 12.24 4.55
CA GLU A 83 -6.79 11.51 3.54
C GLU A 83 -6.09 10.34 4.22
N CYS A 84 -6.42 9.11 3.78
CA CYS A 84 -5.86 7.88 4.37
C CYS A 84 -5.32 7.02 3.22
N HIS A 85 -3.99 7.06 3.00
CA HIS A 85 -3.43 6.25 1.90
C HIS A 85 -3.58 4.77 2.14
N CYS A 86 -3.74 4.38 3.39
CA CYS A 86 -3.90 2.97 3.68
C CYS A 86 -5.26 2.45 3.29
N MET A 87 -6.21 3.32 2.92
CA MET A 87 -7.59 2.88 2.72
C MET A 87 -8.15 2.21 3.97
N LEU A 88 -7.69 2.63 5.14
CA LEU A 88 -8.32 2.21 6.40
C LEU A 88 -9.59 3.00 6.65
N PHE A 89 -9.50 4.33 6.53
CA PHE A 89 -10.62 5.24 6.76
C PHE A 89 -10.98 5.86 5.43
N LEU A 90 -12.16 5.52 4.87
CA LEU A 90 -12.60 6.06 3.60
C LEU A 90 -13.79 6.98 3.77
N THR A 91 -13.80 8.07 3.01
CA THR A 91 -14.98 8.91 3.01
C THR A 91 -16.08 8.23 2.21
N PRO A 92 -17.34 8.51 2.52
CA PRO A 92 -18.43 7.66 1.95
C PRO A 92 -18.59 7.77 0.44
N ASP A 93 -18.06 8.81 -0.17
CA ASP A 93 -18.04 8.99 -1.61
C ASP A 93 -16.94 8.22 -2.30
N ASN A 94 -16.06 7.56 -1.54
CA ASN A 94 -14.96 6.84 -2.17
C ASN A 94 -15.44 5.55 -2.78
N ASP A 95 -14.97 5.26 -4.01
CA ASP A 95 -15.44 4.11 -4.75
C ASP A 95 -15.22 2.82 -3.98
N PHE A 96 -14.24 2.80 -3.09
CA PHE A 96 -13.95 1.57 -2.39
C PHE A 96 -14.59 1.53 -1.01
N ALA A 97 -15.36 2.54 -0.64
CA ALA A 97 -15.96 2.57 0.69
C ALA A 97 -17.19 1.69 0.80
N GLY A 98 -17.29 0.93 1.89
CA GLY A 98 -18.55 0.29 2.22
C GLY A 98 -19.28 1.14 3.24
N LYS A 99 -20.19 0.52 3.97
CA LYS A 99 -20.94 1.24 5.00
C LYS A 99 -20.63 0.78 6.40
N ASP A 100 -19.61 -0.07 6.58
CA ASP A 100 -19.29 -0.67 7.86
C ASP A 100 -18.37 0.26 8.62
N GLN A 101 -18.64 0.44 9.91
CA GLN A 101 -17.65 1.03 10.83
C GLN A 101 -17.31 0.01 11.89
N THR A 102 -17.57 -1.26 11.58
CA THR A 102 -17.28 -2.42 12.41
C THR A 102 -16.30 -3.31 11.67
N ILE A 103 -15.23 -3.74 12.36
CA ILE A 103 -14.33 -4.75 11.86
C ILE A 103 -14.14 -5.76 12.98
N THR A 104 -14.61 -6.98 12.77
CA THR A 104 -14.57 -7.90 13.89
C THR A 104 -13.24 -8.65 13.94
N SER A 105 -12.95 -9.26 15.10
CA SER A 105 -11.75 -10.06 15.20
C SER A 105 -11.78 -11.21 14.20
N ASP A 106 -12.97 -11.79 13.97
CA ASP A 106 -13.03 -12.89 13.01
C ASP A 106 -12.73 -12.44 11.58
N GLU A 107 -13.17 -11.23 11.21
CA GLU A 107 -12.82 -10.75 9.88
C GLU A 107 -11.29 -10.63 9.73
N ILE A 108 -10.63 -10.11 10.76
CA ILE A 108 -9.17 -9.99 10.66
C ILE A 108 -8.52 -11.37 10.56
N LYS A 109 -8.99 -12.33 11.37
CA LYS A 109 -8.36 -13.65 11.38
C LYS A 109 -8.55 -14.33 10.04
N GLU A 110 -9.76 -14.20 9.46
CA GLU A 110 -10.03 -14.93 8.23
C GLU A 110 -9.25 -14.37 7.05
N THR A 111 -9.00 -13.04 7.00
CA THR A 111 -8.36 -12.44 5.83
C THR A 111 -6.86 -12.30 5.94
N THR A 112 -6.27 -12.57 7.10
CA THR A 112 -4.83 -12.48 7.19
C THR A 112 -4.21 -13.81 7.60
N ALA A 113 -4.96 -14.91 7.45
CA ALA A 113 -4.51 -16.19 8.00
C ALA A 113 -3.24 -16.67 7.33
N ASN A 114 -3.11 -16.42 6.04
CA ASN A 114 -1.92 -16.88 5.34
C ASN A 114 -0.72 -15.98 5.59
N MET A 115 -0.85 -14.97 6.43
CA MET A 115 0.24 -14.04 6.70
C MET A 115 0.84 -14.28 8.07
N GLN B 6 17.58 -10.60 -6.30
CA GLN B 6 17.28 -9.21 -6.67
C GLN B 6 18.12 -8.26 -5.85
N THR B 7 18.52 -7.14 -6.46
CA THR B 7 19.38 -6.18 -5.77
C THR B 7 19.25 -4.84 -6.46
N PHE B 8 19.76 -3.80 -5.80
CA PHE B 8 19.84 -2.48 -6.44
C PHE B 8 20.45 -2.58 -7.84
N ASP B 9 21.61 -3.26 -7.96
CA ASP B 9 22.25 -3.37 -9.26
C ASP B 9 21.45 -4.24 -10.24
N SER B 10 20.91 -5.39 -9.77
CA SER B 10 20.21 -6.27 -10.70
C SER B 10 18.96 -5.61 -11.22
N PHE B 11 18.30 -4.81 -10.36
CA PHE B 11 17.11 -4.08 -10.80
C PHE B 11 17.46 -3.04 -11.87
N GLU B 12 18.50 -2.24 -11.61
CA GLU B 12 18.93 -1.25 -12.58
C GLU B 12 19.29 -1.91 -13.92
N ASP B 13 19.95 -3.07 -13.87
CA ASP B 13 20.33 -3.76 -15.09
C ASP B 13 19.10 -4.25 -15.82
N LEU B 14 18.09 -4.74 -15.08
CA LEU B 14 16.84 -5.15 -15.71
C LEU B 14 16.24 -3.98 -16.51
N LEU B 15 16.17 -2.79 -15.89
CA LEU B 15 15.55 -1.65 -16.53
C LEU B 15 16.31 -1.25 -17.79
N VAL B 16 17.64 -1.35 -17.74
CA VAL B 16 18.42 -0.86 -18.88
C VAL B 16 18.31 -1.84 -20.04
N ASN B 17 18.14 -3.13 -19.77
CA ASN B 17 18.15 -4.15 -20.83
C ASN B 17 16.76 -4.54 -21.37
N SER B 18 15.68 -4.26 -20.66
CA SER B 18 14.39 -4.79 -21.08
C SER B 18 14.04 -4.31 -22.48
N ASP B 19 13.48 -5.20 -23.29
CA ASP B 19 13.02 -4.86 -24.62
C ASP B 19 11.57 -4.39 -24.63
N LYS B 20 10.93 -4.33 -23.48
CA LYS B 20 9.52 -3.97 -23.31
C LYS B 20 9.46 -2.93 -22.21
N PRO B 21 8.40 -2.15 -22.14
CA PRO B 21 8.20 -1.34 -20.94
C PRO B 21 8.10 -2.23 -19.69
N VAL B 22 8.60 -1.68 -18.56
CA VAL B 22 8.65 -2.40 -17.28
C VAL B 22 7.74 -1.69 -16.31
N LEU B 23 6.74 -2.41 -15.79
CA LEU B 23 5.90 -1.85 -14.72
C LEU B 23 6.43 -2.37 -13.42
N VAL B 24 6.84 -1.47 -12.52
CA VAL B 24 7.37 -1.88 -11.21
C VAL B 24 6.39 -1.53 -10.13
N ASP B 25 6.04 -2.51 -9.32
CA ASP B 25 5.21 -2.34 -8.12
C ASP B 25 6.14 -2.32 -6.92
N TYR B 26 6.25 -1.14 -6.27
CA TYR B 26 7.00 -0.96 -5.03
C TYR B 26 6.00 -1.20 -3.89
N TYR B 27 6.20 -2.27 -3.13
CA TYR B 27 5.21 -2.75 -2.18
C TYR B 27 5.79 -2.91 -0.78
N ALA B 28 4.87 -3.16 0.17
CA ALA B 28 5.26 -3.64 1.47
C ALA B 28 4.24 -4.67 1.93
N THR B 29 4.72 -5.64 2.71
CA THR B 29 3.92 -6.79 3.13
C THR B 29 2.67 -6.38 3.93
N TRP B 30 2.84 -5.47 4.89
CA TRP B 30 1.74 -5.14 5.80
C TRP B 30 0.97 -3.89 5.37
N CYS B 31 0.97 -3.62 4.10
CA CYS B 31 0.19 -2.54 3.53
C CYS B 31 -1.05 -3.14 2.87
N GLY B 32 -2.24 -2.78 3.35
CA GLY B 32 -3.44 -3.42 2.84
C GLY B 32 -3.69 -3.16 1.36
N PRO B 33 -3.56 -1.90 0.89
CA PRO B 33 -3.73 -1.64 -0.55
C PRO B 33 -2.70 -2.36 -1.38
N SER B 34 -1.48 -2.50 -0.86
CA SER B 34 -0.47 -3.19 -1.60
C SER B 34 -0.85 -4.65 -1.78
N GLN B 35 -1.29 -5.29 -0.71
CA GLN B 35 -1.67 -6.70 -0.81
C GLN B 35 -2.86 -6.87 -1.71
N PHE B 36 -3.81 -5.92 -1.66
CA PHE B 36 -4.99 -5.95 -2.52
C PHE B 36 -4.59 -5.95 -3.99
N MET B 37 -3.55 -5.18 -4.33
CA MET B 37 -3.15 -5.05 -5.72
C MET B 37 -2.37 -6.26 -6.24
N VAL B 38 -1.86 -7.15 -5.39
CA VAL B 38 -1.02 -8.24 -5.91
C VAL B 38 -1.84 -9.14 -6.84
N PRO B 39 -3.00 -9.66 -6.46
CA PRO B 39 -3.72 -10.53 -7.43
C PRO B 39 -4.21 -9.77 -8.66
N ILE B 40 -4.56 -8.50 -8.49
CA ILE B 40 -5.05 -7.69 -9.61
C ILE B 40 -3.93 -7.45 -10.61
N LEU B 41 -2.78 -7.01 -10.08
CA LEU B 41 -1.61 -6.90 -10.91
C LEU B 41 -1.26 -8.23 -11.59
N ASN B 42 -1.41 -9.35 -10.89
CA ASN B 42 -1.08 -10.62 -11.54
C ASN B 42 -2.03 -10.90 -12.69
N GLU B 43 -3.30 -10.55 -12.55
CA GLU B 43 -4.23 -10.73 -13.67
C GLU B 43 -3.85 -9.82 -14.84
N VAL B 44 -3.52 -8.56 -14.53
CA VAL B 44 -3.18 -7.61 -15.57
C VAL B 44 -1.89 -8.02 -16.28
N SER B 45 -0.90 -8.53 -15.52
CA SER B 45 0.35 -9.01 -16.08
C SER B 45 0.12 -10.08 -17.09
N GLU B 46 -0.90 -10.93 -16.86
CA GLU B 46 -1.21 -11.98 -17.84
C GLU B 46 -1.88 -11.38 -19.07
N THR B 47 -2.87 -10.52 -18.86
CA THR B 47 -3.54 -9.86 -19.97
C THR B 47 -2.54 -9.12 -20.85
N LEU B 48 -1.53 -8.46 -20.25
CA LEU B 48 -0.56 -7.66 -20.99
C LEU B 48 0.80 -8.36 -21.15
N LYS B 49 0.80 -9.70 -21.12
CA LYS B 49 2.06 -10.45 -21.12
C LYS B 49 2.97 -10.07 -22.28
N ASP B 50 2.40 -9.82 -23.44
CA ASP B 50 3.31 -9.52 -24.53
C ASP B 50 3.62 -8.03 -24.68
N LYS B 51 3.08 -7.16 -23.85
CA LYS B 51 3.33 -5.74 -24.00
C LYS B 51 4.26 -5.17 -22.93
N ILE B 52 4.24 -5.71 -21.71
CA ILE B 52 5.04 -5.16 -20.61
C ILE B 52 5.66 -6.29 -19.81
N GLN B 53 6.71 -5.95 -19.06
CA GLN B 53 7.28 -6.83 -18.05
C GLN B 53 6.90 -6.23 -16.70
N VAL B 54 6.42 -7.06 -15.76
CA VAL B 54 6.05 -6.60 -14.41
C VAL B 54 7.11 -7.05 -13.41
N VAL B 55 7.52 -6.15 -12.52
CA VAL B 55 8.52 -6.45 -11.50
C VAL B 55 7.97 -5.95 -10.18
N LYS B 56 8.14 -6.72 -9.11
CA LYS B 56 7.66 -6.27 -7.79
C LYS B 56 8.87 -6.11 -6.89
N ILE B 57 8.94 -4.96 -6.18
CA ILE B 57 10.11 -4.66 -5.34
C ILE B 57 9.62 -4.51 -3.90
N ASP B 58 10.13 -5.36 -3.00
CA ASP B 58 9.76 -5.25 -1.56
C ASP B 58 10.55 -4.08 -0.97
N THR B 59 9.90 -2.91 -0.79
CA THR B 59 10.62 -1.69 -0.35
C THR B 59 11.20 -1.84 1.03
N GLU B 60 10.73 -2.83 1.82
CA GLU B 60 11.29 -2.95 3.18
C GLU B 60 12.55 -3.77 3.16
N LYS B 61 12.68 -4.66 2.19
CA LYS B 61 13.89 -5.44 2.05
C LYS B 61 14.96 -4.76 1.20
N TYR B 62 14.57 -3.89 0.27
CA TYR B 62 15.50 -3.18 -0.62
C TYR B 62 15.26 -1.70 -0.51
N PRO B 63 15.52 -1.13 0.69
CA PRO B 63 15.30 0.30 0.80
C PRO B 63 16.16 1.14 -0.08
N SER B 64 17.38 0.70 -0.51
CA SER B 64 18.16 1.49 -1.46
C SER B 64 17.38 1.81 -2.74
N ILE B 65 16.64 0.83 -3.26
CA ILE B 65 15.85 1.05 -4.47
C ILE B 65 14.71 2.02 -4.18
N ALA B 66 14.00 1.81 -3.06
CA ALA B 66 12.92 2.71 -2.68
C ALA B 66 13.44 4.14 -2.51
N ASN B 67 14.64 4.30 -1.94
CA ASN B 67 15.16 5.64 -1.81
C ASN B 67 15.48 6.27 -3.16
N LYS B 68 16.04 5.50 -4.09
CA LYS B 68 16.39 6.06 -5.39
C LYS B 68 15.18 6.67 -6.06
N TYR B 69 14.05 5.98 -5.96
CA TYR B 69 12.84 6.45 -6.62
C TYR B 69 11.97 7.30 -5.72
N LYS B 70 12.48 7.67 -4.54
CA LYS B 70 11.76 8.54 -3.62
C LYS B 70 10.31 8.05 -3.41
N ILE B 71 10.22 6.75 -3.12
CA ILE B 71 8.91 6.14 -2.89
C ILE B 71 8.32 6.69 -1.60
N GLU B 72 7.03 7.05 -1.66
CA GLU B 72 6.36 7.55 -0.47
C GLU B 72 5.19 6.62 -0.18
N ALA B 73 3.99 6.91 -0.63
CA ALA B 73 2.88 6.03 -0.31
C ALA B 73 3.03 4.70 -1.04
N LEU B 74 2.52 3.64 -0.41
CA LEU B 74 2.56 2.30 -0.99
C LEU B 74 1.13 1.83 -1.29
N PRO B 75 0.94 1.03 -2.33
CA PRO B 75 1.99 0.69 -3.30
C PRO B 75 2.25 1.89 -4.19
N THR B 76 3.45 2.00 -4.75
CA THR B 76 3.71 2.91 -5.86
C THR B 76 4.00 2.04 -7.07
N PHE B 77 3.47 2.47 -8.21
CA PHE B 77 3.75 1.85 -9.50
C PHE B 77 4.49 2.85 -10.36
N ILE B 78 5.56 2.42 -10.98
CA ILE B 78 6.25 3.27 -11.95
C ILE B 78 6.36 2.46 -13.23
N LEU B 79 6.05 3.09 -14.36
CA LEU B 79 6.18 2.46 -15.67
C LEU B 79 7.42 3.04 -16.34
N PHE B 80 8.34 2.18 -16.74
CA PHE B 80 9.58 2.61 -17.35
C PHE B 80 9.59 2.28 -18.85
N LYS B 81 10.14 3.22 -19.63
CA LYS B 81 10.41 3.07 -21.06
C LYS B 81 11.87 3.36 -21.29
N ASP B 82 12.59 2.40 -21.89
CA ASP B 82 14.01 2.58 -22.22
C ASP B 82 14.83 2.95 -20.99
N GLY B 83 14.49 2.34 -19.85
CA GLY B 83 15.19 2.63 -18.62
C GLY B 83 14.73 3.89 -17.91
N GLU B 84 13.74 4.61 -18.46
CA GLU B 84 13.31 5.90 -17.94
C GLU B 84 11.86 5.84 -17.48
N PRO B 85 11.55 6.39 -16.29
CA PRO B 85 10.16 6.46 -15.83
C PRO B 85 9.34 7.29 -16.77
N CYS B 86 8.24 6.75 -17.21
CA CYS B 86 7.35 7.50 -18.06
C CYS B 86 5.98 7.73 -17.44
N ASP B 87 5.71 7.16 -16.26
CA ASP B 87 4.45 7.40 -15.58
C ASP B 87 4.57 6.81 -14.18
N ARG B 88 3.75 7.33 -13.27
CA ARG B 88 3.90 6.94 -11.87
C ARG B 88 2.56 7.15 -11.21
N PHE B 89 2.15 6.20 -10.37
CA PHE B 89 0.93 6.41 -9.57
C PHE B 89 1.00 5.62 -8.29
N GLU B 90 0.15 6.02 -7.32
CA GLU B 90 0.18 5.49 -5.96
C GLU B 90 -1.19 4.90 -5.67
N GLY B 91 -1.22 3.85 -4.86
CA GLY B 91 -2.50 3.41 -4.26
C GLY B 91 -3.15 2.30 -5.03
N ALA B 92 -4.35 1.93 -4.60
CA ALA B 92 -5.06 0.84 -5.25
C ALA B 92 -5.82 1.36 -6.43
N LEU B 93 -6.03 0.47 -7.43
CA LEU B 93 -6.91 0.81 -8.53
C LEU B 93 -7.44 -0.49 -9.10
N THR B 94 -8.53 -0.39 -9.86
CA THR B 94 -9.07 -1.61 -10.40
C THR B 94 -8.22 -2.16 -11.54
N ALA B 95 -8.50 -3.42 -11.93
CA ALA B 95 -7.81 -3.98 -13.10
C ALA B 95 -8.05 -3.13 -14.35
N LYS B 96 -9.31 -2.72 -14.57
CA LYS B 96 -9.61 -1.91 -15.74
C LYS B 96 -8.84 -0.59 -15.71
N GLN B 97 -8.83 0.10 -14.55
CA GLN B 97 -8.08 1.35 -14.45
C GLN B 97 -6.60 1.10 -14.71
N LEU B 98 -6.09 -0.02 -14.19
CA LEU B 98 -4.67 -0.29 -14.32
C LEU B 98 -4.30 -0.54 -15.76
N ILE B 99 -5.10 -1.37 -16.46
CA ILE B 99 -4.83 -1.61 -17.86
C ILE B 99 -4.93 -0.31 -18.66
N GLN B 100 -5.93 0.53 -18.35
N GLN B 100 -5.95 0.51 -18.38
CA GLN B 100 -6.11 1.76 -19.10
CA GLN B 100 -6.09 1.76 -19.12
C GLN B 100 -4.95 2.73 -18.87
C GLN B 100 -4.87 2.65 -18.90
N ARG B 101 -4.44 2.78 -17.64
CA ARG B 101 -3.34 3.68 -17.33
C ARG B 101 -2.07 3.24 -18.02
N ILE B 102 -1.81 1.96 -18.02
CA ILE B 102 -0.64 1.43 -18.70
C ILE B 102 -0.72 1.72 -20.18
N GLU B 103 -1.90 1.40 -20.77
CA GLU B 103 -2.05 1.60 -22.20
C GLU B 103 -1.95 3.08 -22.57
N ASP B 104 -2.39 3.97 -21.67
CA ASP B 104 -2.29 5.41 -21.90
C ASP B 104 -0.86 5.78 -22.08
N SER B 105 -0.07 5.46 -21.06
CA SER B 105 1.23 6.08 -20.92
C SER B 105 2.12 5.59 -22.00
N LEU B 106 1.77 4.42 -22.51
CA LEU B 106 2.41 3.85 -23.66
C LEU B 106 2.26 4.72 -24.90
N LYS B 107 1.06 5.24 -25.18
CA LYS B 107 0.79 5.96 -26.42
C LYS B 107 0.91 7.47 -26.29
FE1 SF4 C . -3.58 5.75 9.80
FE2 SF4 C . -2.79 7.72 8.09
FE3 SF4 C . -4.57 5.92 7.28
FE4 SF4 C . -1.94 5.19 7.45
S1 SF4 C . -2.81 6.72 6.03
S2 SF4 C . -3.79 4.08 8.29
S3 SF4 C . -1.45 6.43 9.37
S4 SF4 C . -4.88 7.42 8.99
#